data_8TNM
#
_entry.id   8TNM
#
_cell.length_a   59.532
_cell.length_b   59.532
_cell.length_c   89.178
_cell.angle_alpha   90.000
_cell.angle_beta   90.000
_cell.angle_gamma   90.000
#
_symmetry.space_group_name_H-M   'P 43 21 2'
#
loop_
_entity.id
_entity.type
_entity.pdbx_description
1 polymer UNC_079
2 water water
#
_entity_poly.entity_id   1
_entity_poly.type   'polypeptide(L)'
_entity_poly.pdbx_seq_one_letter_code
;MGSNDYVNQMISQMTDLAKSLNVDVTELITSVTQALEALLEEYRREGRLTDQVEKMASSVALQLAAELLAQKALEEGHDK
KQTTAKRNQISNSYSSEAMSHARAWAASRHSEEEAEKLAEELYKDMKESLKQRIDTEQVGSENLYFQ
;
_entity_poly.pdbx_strand_id   A
#
# COMPACT_ATOMS: atom_id res chain seq x y z
N SER A 3 -3.80 -12.65 8.27
CA SER A 3 -3.16 -13.57 9.21
C SER A 3 -1.97 -12.91 9.90
N ASN A 4 -1.41 -13.58 10.90
CA ASN A 4 -0.18 -13.08 11.51
C ASN A 4 0.91 -12.93 10.46
N ASP A 5 0.99 -13.89 9.54
CA ASP A 5 2.00 -13.86 8.50
C ASP A 5 1.79 -12.70 7.54
N TYR A 6 0.54 -12.39 7.24
CA TYR A 6 0.23 -11.28 6.32
C TYR A 6 0.67 -9.94 6.91
N VAL A 7 0.35 -9.71 8.18
CA VAL A 7 0.76 -8.48 8.85
C VAL A 7 2.27 -8.42 8.98
N ASN A 8 2.89 -9.50 9.46
CA ASN A 8 4.35 -9.49 9.64
C ASN A 8 5.06 -9.29 8.32
N GLN A 9 4.55 -9.89 7.23
CA GLN A 9 5.16 -9.71 5.93
C GLN A 9 5.11 -8.25 5.52
N MET A 10 3.96 -7.61 5.72
CA MET A 10 3.83 -6.20 5.38
CA MET A 10 3.87 -6.21 5.35
C MET A 10 4.80 -5.35 6.19
N ILE A 11 4.87 -5.59 7.51
CA ILE A 11 5.77 -4.81 8.35
C ILE A 11 7.21 -5.01 7.96
N SER A 12 7.58 -6.25 7.63
CA SER A 12 8.94 -6.51 7.15
C SER A 12 9.26 -5.67 5.94
N GLN A 13 8.35 -5.63 4.97
CA GLN A 13 8.60 -4.86 3.77
C GLN A 13 8.58 -3.36 4.06
N MET A 14 7.74 -2.92 5.00
CA MET A 14 7.75 -1.50 5.34
CA MET A 14 7.72 -1.51 5.40
C MET A 14 9.08 -1.10 5.96
N THR A 15 9.65 -1.97 6.78
CA THR A 15 10.92 -1.68 7.40
C THR A 15 12.04 -1.66 6.35
N ASP A 16 11.97 -2.55 5.36
CA ASP A 16 12.93 -2.53 4.26
C ASP A 16 12.90 -1.21 3.52
N LEU A 17 11.70 -0.72 3.17
CA LEU A 17 11.65 0.53 2.43
C LEU A 17 12.04 1.71 3.31
N ALA A 18 11.76 1.65 4.61
CA ALA A 18 12.23 2.70 5.51
C ALA A 18 13.75 2.76 5.56
N LYS A 19 14.40 1.60 5.61
CA LYS A 19 15.86 1.56 5.56
C LYS A 19 16.37 2.18 4.28
N SER A 20 15.72 1.90 3.15
CA SER A 20 16.14 2.44 1.86
C SER A 20 16.05 3.96 1.87
N LEU A 21 15.00 4.51 2.49
CA LEU A 21 14.79 5.95 2.52
C LEU A 21 15.51 6.61 3.69
N ASN A 22 16.12 5.81 4.58
CA ASN A 22 16.91 6.32 5.70
C ASN A 22 16.06 7.04 6.74
N VAL A 23 14.89 6.50 7.04
CA VAL A 23 13.92 7.10 7.96
CA VAL A 23 14.01 7.10 8.04
C VAL A 23 13.41 6.02 8.92
N ASP A 24 13.13 6.39 10.16
CA ASP A 24 12.65 5.47 11.17
C ASP A 24 11.22 5.05 10.83
N VAL A 25 10.98 3.73 10.73
CA VAL A 25 9.66 3.22 10.37
C VAL A 25 8.64 3.35 11.49
N THR A 26 9.07 3.61 12.72
CA THR A 26 8.28 3.28 13.91
C THR A 26 6.88 3.88 13.90
N GLU A 27 6.78 5.20 13.71
CA GLU A 27 5.49 5.86 13.88
C GLU A 27 4.47 5.40 12.83
N LEU A 28 4.93 5.06 11.63
CA LEU A 28 4.01 4.65 10.57
C LEU A 28 3.46 3.24 10.77
N ILE A 29 4.18 2.37 11.47
CA ILE A 29 3.74 0.99 11.59
C ILE A 29 2.34 0.92 12.20
N THR A 30 2.14 1.64 13.31
CA THR A 30 0.84 1.65 13.96
C THR A 30 -0.24 2.20 13.04
N SER A 31 0.01 3.35 12.41
CA SER A 31 -1.01 3.99 11.58
C SER A 31 -1.35 3.14 10.38
N VAL A 32 -0.35 2.55 9.73
CA VAL A 32 -0.59 1.77 8.53
C VAL A 32 -1.28 0.45 8.87
N THR A 33 -0.82 -0.25 9.93
CA THR A 33 -1.45 -1.51 10.28
C THR A 33 -2.90 -1.31 10.69
N GLN A 34 -3.18 -0.24 11.44
CA GLN A 34 -4.55 0.02 11.84
C GLN A 34 -5.43 0.39 10.66
N ALA A 35 -4.91 1.22 9.75
CA ALA A 35 -5.69 1.59 8.58
C ALA A 35 -5.97 0.39 7.69
N LEU A 36 -4.94 -0.44 7.49
CA LEU A 36 -5.10 -1.63 6.67
C LEU A 36 -6.11 -2.59 7.29
N GLU A 37 -6.02 -2.81 8.60
CA GLU A 37 -6.98 -3.66 9.29
C GLU A 37 -8.40 -3.15 9.11
N ALA A 38 -8.60 -1.84 9.25
CA ALA A 38 -9.95 -1.29 9.14
C ALA A 38 -10.48 -1.41 7.73
N LEU A 39 -9.64 -1.16 6.72
CA LEU A 39 -10.09 -1.31 5.34
C LEU A 39 -10.50 -2.75 5.05
N LEU A 40 -9.67 -3.70 5.49
CA LEU A 40 -9.97 -5.11 5.23
C LEU A 40 -11.26 -5.53 5.90
N GLU A 41 -11.51 -5.03 7.11
CA GLU A 41 -12.76 -5.38 7.79
C GLU A 41 -13.97 -4.84 7.04
N GLU A 42 -13.85 -3.61 6.51
CA GLU A 42 -14.94 -3.04 5.73
C GLU A 42 -15.18 -3.85 4.46
N TYR A 43 -14.11 -4.19 3.75
CA TYR A 43 -14.28 -4.96 2.52
C TYR A 43 -14.90 -6.32 2.81
N ARG A 44 -14.46 -6.96 3.90
CA ARG A 44 -15.02 -8.25 4.28
C ARG A 44 -16.51 -8.14 4.58
N ARG A 45 -16.88 -7.19 5.45
CA ARG A 45 -18.28 -7.01 5.83
C ARG A 45 -19.17 -6.78 4.62
N GLU A 46 -18.66 -6.05 3.63
CA GLU A 46 -19.42 -5.74 2.42
C GLU A 46 -19.30 -6.82 1.34
N GLY A 47 -18.62 -7.92 1.63
CA GLY A 47 -18.52 -8.99 0.66
C GLY A 47 -17.60 -8.68 -0.50
N ARG A 48 -16.69 -7.73 -0.33
CA ARG A 48 -15.77 -7.30 -1.39
C ARG A 48 -14.40 -7.92 -1.29
N LEU A 49 -14.10 -8.68 -0.25
CA LEU A 49 -12.75 -9.15 0.00
C LEU A 49 -12.56 -10.53 -0.62
N THR A 50 -11.45 -10.69 -1.31
CA THR A 50 -10.97 -11.97 -1.79
C THR A 50 -9.48 -12.01 -1.52
N ASP A 51 -8.87 -13.17 -1.72
CA ASP A 51 -7.46 -13.30 -1.37
C ASP A 51 -6.59 -12.34 -2.16
N GLN A 52 -6.83 -12.20 -3.48
CA GLN A 52 -6.04 -11.25 -4.27
C GLN A 52 -6.27 -9.81 -3.82
N VAL A 53 -7.49 -9.46 -3.40
CA VAL A 53 -7.76 -8.11 -2.91
C VAL A 53 -6.99 -7.85 -1.61
N GLU A 54 -6.88 -8.85 -0.73
CA GLU A 54 -6.11 -8.69 0.50
C GLU A 54 -4.64 -8.46 0.17
N LYS A 55 -4.09 -9.25 -0.75
CA LYS A 55 -2.71 -9.04 -1.17
C LYS A 55 -2.54 -7.65 -1.75
N MET A 56 -3.47 -7.23 -2.61
CA MET A 56 -3.41 -5.91 -3.20
C MET A 56 -3.37 -4.82 -2.14
N ALA A 57 -4.16 -4.98 -1.09
CA ALA A 57 -4.23 -3.94 -0.05
C ALA A 57 -2.89 -3.77 0.64
N SER A 58 -2.16 -4.86 0.87
CA SER A 58 -0.82 -4.73 1.43
CA SER A 58 -0.82 -4.71 1.43
C SER A 58 0.11 -3.96 0.49
N SER A 59 0.02 -4.26 -0.82
CA SER A 59 0.84 -3.56 -1.79
C SER A 59 0.54 -2.07 -1.80
N VAL A 60 -0.74 -1.70 -1.76
CA VAL A 60 -1.11 -0.29 -1.74
C VAL A 60 -0.65 0.37 -0.45
N ALA A 61 -0.79 -0.32 0.68
CA ALA A 61 -0.32 0.23 1.95
C ALA A 61 1.17 0.54 1.89
N LEU A 62 1.94 -0.36 1.26
CA LEU A 62 3.39 -0.19 1.17
C LEU A 62 3.73 0.95 0.23
N GLN A 63 3.00 1.09 -0.87
CA GLN A 63 3.20 2.25 -1.74
C GLN A 63 3.01 3.54 -0.95
N LEU A 64 1.92 3.62 -0.19
CA LEU A 64 1.65 4.83 0.56
C LEU A 64 2.68 5.06 1.66
N ALA A 65 3.12 3.99 2.32
CA ALA A 65 4.17 4.14 3.34
C ALA A 65 5.43 4.72 2.72
N ALA A 66 5.82 4.25 1.55
CA ALA A 66 7.01 4.77 0.91
C ALA A 66 6.86 6.26 0.58
N GLU A 67 5.68 6.67 0.13
CA GLU A 67 5.52 8.06 -0.32
C GLU A 67 5.53 8.96 0.92
N LEU A 68 4.93 8.48 2.03
CA LEU A 68 4.94 9.24 3.28
C LEU A 68 6.31 9.26 3.92
N LEU A 69 7.00 8.12 3.96
CA LEU A 69 8.33 8.10 4.55
C LEU A 69 9.31 8.92 3.72
N ALA A 70 9.13 8.96 2.41
CA ALA A 70 10.02 9.80 1.60
C ALA A 70 9.82 11.27 1.92
N GLN A 71 8.57 11.69 2.17
CA GLN A 71 8.33 13.06 2.60
C GLN A 71 9.05 13.34 3.91
N LYS A 72 9.02 12.39 4.85
CA LYS A 72 9.71 12.66 6.11
C LYS A 72 11.22 12.68 5.92
N ALA A 73 11.75 11.89 4.97
CA ALA A 73 13.17 11.97 4.65
C ALA A 73 13.55 13.33 4.10
N LEU A 74 12.72 13.89 3.21
CA LEU A 74 12.97 15.24 2.71
C LEU A 74 12.95 16.25 3.85
N GLU A 75 12.00 16.11 4.77
CA GLU A 75 11.90 17.04 5.90
C GLU A 75 13.10 16.93 6.82
N GLU A 76 13.69 15.75 6.93
CA GLU A 76 14.86 15.53 7.77
C GLU A 76 16.16 15.95 7.09
N GLY A 77 16.09 16.45 5.86
CA GLY A 77 17.26 17.00 5.19
C GLY A 77 17.95 16.07 4.22
N HIS A 78 17.39 14.90 3.95
CA HIS A 78 18.05 13.96 3.05
C HIS A 78 18.05 14.49 1.63
N ASP A 79 19.05 14.07 0.86
CA ASP A 79 19.23 14.54 -0.51
C ASP A 79 17.96 14.35 -1.34
N LYS A 80 17.54 15.41 -2.02
CA LYS A 80 16.24 15.36 -2.70
C LYS A 80 16.28 14.42 -3.91
N LYS A 81 17.34 14.48 -4.73
CA LYS A 81 17.40 13.64 -5.91
C LYS A 81 17.43 12.16 -5.53
N GLN A 82 18.28 11.79 -4.57
CA GLN A 82 18.37 10.40 -4.17
C GLN A 82 17.08 9.93 -3.49
N THR A 83 16.53 10.75 -2.60
CA THR A 83 15.31 10.36 -1.88
C THR A 83 14.16 10.17 -2.84
N THR A 84 13.97 11.12 -3.77
CA THR A 84 12.84 10.99 -4.68
C THR A 84 13.06 9.88 -5.70
N ALA A 85 14.31 9.63 -6.14
CA ALA A 85 14.54 8.50 -7.03
C ALA A 85 14.19 7.18 -6.34
N LYS A 86 14.60 7.04 -5.08
CA LYS A 86 14.28 5.83 -4.34
C LYS A 86 12.77 5.71 -4.12
N ARG A 87 12.14 6.80 -3.70
CA ARG A 87 10.70 6.80 -3.52
C ARG A 87 10.01 6.36 -4.80
N ASN A 88 10.39 6.95 -5.93
CA ASN A 88 9.69 6.64 -7.17
C ASN A 88 9.90 5.19 -7.58
N GLN A 89 11.10 4.65 -7.37
CA GLN A 89 11.34 3.25 -7.68
C GLN A 89 10.48 2.35 -6.81
N ILE A 90 10.40 2.65 -5.51
CA ILE A 90 9.64 1.81 -4.58
C ILE A 90 8.15 1.94 -4.86
N SER A 91 7.68 3.17 -5.03
CA SER A 91 6.28 3.40 -5.31
C SER A 91 5.87 2.70 -6.61
N ASN A 92 6.67 2.86 -7.66
CA ASN A 92 6.40 2.19 -8.93
C ASN A 92 6.31 0.69 -8.75
N SER A 93 7.20 0.12 -7.95
CA SER A 93 7.18 -1.32 -7.74
C SER A 93 5.88 -1.76 -7.09
N TYR A 94 5.44 -1.04 -6.05
CA TYR A 94 4.25 -1.44 -5.31
C TYR A 94 2.97 -1.11 -6.05
N SER A 95 2.92 -0.02 -6.80
CA SER A 95 1.71 0.22 -7.59
C SER A 95 1.59 -0.82 -8.71
N SER A 96 2.73 -1.24 -9.28
CA SER A 96 2.69 -2.30 -10.29
C SER A 96 2.21 -3.60 -9.68
N GLU A 97 2.71 -3.94 -8.49
CA GLU A 97 2.29 -5.14 -7.80
C GLU A 97 0.79 -5.08 -7.49
N ALA A 98 0.34 -3.95 -6.97
CA ALA A 98 -1.07 -3.80 -6.64
C ALA A 98 -1.94 -4.01 -7.87
N MET A 99 -1.58 -3.39 -9.00
CA MET A 99 -2.38 -3.51 -10.21
C MET A 99 -2.36 -4.92 -10.75
N SER A 100 -1.25 -5.65 -10.57
CA SER A 100 -1.23 -7.05 -11.01
C SER A 100 -2.21 -7.90 -10.20
N HIS A 101 -2.29 -7.67 -8.89
CA HIS A 101 -3.29 -8.35 -8.09
C HIS A 101 -4.70 -7.94 -8.51
N ALA A 102 -4.91 -6.64 -8.76
CA ALA A 102 -6.24 -6.16 -9.14
C ALA A 102 -6.69 -6.82 -10.44
N ARG A 103 -5.79 -6.89 -11.41
CA ARG A 103 -6.14 -7.49 -12.68
C ARG A 103 -6.44 -8.98 -12.55
N ALA A 104 -5.72 -9.69 -11.66
CA ALA A 104 -6.00 -11.10 -11.43
C ALA A 104 -7.35 -11.30 -10.76
N TRP A 105 -7.68 -10.44 -9.79
CA TRP A 105 -9.01 -10.46 -9.17
C TRP A 105 -10.09 -10.28 -10.22
N ALA A 106 -9.91 -9.28 -11.09
CA ALA A 106 -10.99 -8.92 -12.01
C ALA A 106 -11.16 -9.96 -13.10
N ALA A 107 -10.07 -10.61 -13.51
CA ALA A 107 -10.13 -11.43 -14.72
C ALA A 107 -11.04 -12.64 -14.58
N SER A 108 -11.12 -13.23 -13.38
CA SER A 108 -11.96 -14.40 -13.17
C SER A 108 -13.38 -14.05 -12.78
N ARG A 109 -13.69 -12.77 -12.60
CA ARG A 109 -14.95 -12.33 -12.04
C ARG A 109 -15.76 -11.42 -12.96
N HIS A 110 -15.13 -10.81 -13.95
CA HIS A 110 -15.79 -9.85 -14.81
C HIS A 110 -15.42 -10.13 -16.25
N SER A 111 -16.26 -9.63 -17.16
CA SER A 111 -15.97 -9.82 -18.58
C SER A 111 -14.70 -9.08 -18.96
N GLU A 112 -14.06 -9.56 -20.04
CA GLU A 112 -12.83 -8.93 -20.53
C GLU A 112 -13.02 -7.44 -20.75
N GLU A 113 -14.24 -7.02 -21.10
CA GLU A 113 -14.48 -5.64 -21.48
C GLU A 113 -14.44 -4.70 -20.28
N GLU A 114 -15.04 -5.12 -19.16
CA GLU A 114 -15.13 -4.26 -17.99
C GLU A 114 -14.02 -4.51 -16.97
N ALA A 115 -13.31 -5.63 -17.08
CA ALA A 115 -12.38 -6.03 -16.03
C ALA A 115 -11.26 -5.02 -15.84
N GLU A 116 -10.75 -4.45 -16.93
CA GLU A 116 -9.68 -3.47 -16.82
C GLU A 116 -10.13 -2.24 -16.05
N LYS A 117 -11.31 -1.71 -16.39
CA LYS A 117 -11.81 -0.52 -15.70
C LYS A 117 -12.09 -0.81 -14.23
N LEU A 118 -12.65 -1.99 -13.93
CA LEU A 118 -12.94 -2.32 -12.54
C LEU A 118 -11.67 -2.54 -11.72
N ALA A 119 -10.63 -3.11 -12.33
CA ALA A 119 -9.35 -3.23 -11.64
C ALA A 119 -8.76 -1.86 -11.35
N GLU A 120 -8.81 -0.96 -12.34
CA GLU A 120 -8.33 0.41 -12.15
C GLU A 120 -9.12 1.12 -11.06
N GLU A 121 -10.45 0.97 -11.09
CA GLU A 121 -11.29 1.63 -10.09
C GLU A 121 -11.03 1.05 -8.71
N LEU A 122 -10.79 -0.26 -8.60
CA LEU A 122 -10.49 -0.84 -7.30
C LEU A 122 -9.23 -0.25 -6.70
N TYR A 123 -8.17 -0.12 -7.52
CA TYR A 123 -6.93 0.49 -7.04
C TYR A 123 -7.15 1.93 -6.59
N LYS A 124 -7.83 2.72 -7.41
CA LYS A 124 -8.08 4.11 -7.06
C LYS A 124 -8.85 4.22 -5.75
N ASP A 125 -9.94 3.45 -5.64
CA ASP A 125 -10.78 3.53 -4.45
C ASP A 125 -10.04 3.04 -3.22
N MET A 126 -9.27 1.96 -3.39
CA MET A 126 -8.56 1.39 -2.26
C MET A 126 -7.47 2.34 -1.80
N LYS A 127 -6.70 2.93 -2.72
CA LYS A 127 -5.63 3.82 -2.31
C LYS A 127 -6.17 5.06 -1.64
N GLU A 128 -7.26 5.62 -2.18
CA GLU A 128 -7.85 6.80 -1.57
C GLU A 128 -8.33 6.51 -0.16
N SER A 129 -8.99 5.35 0.02
CA SER A 129 -9.49 5.00 1.35
C SER A 129 -8.34 4.77 2.34
N LEU A 130 -7.32 4.03 1.93
CA LEU A 130 -6.20 3.79 2.83
C LEU A 130 -5.48 5.08 3.19
N LYS A 131 -5.27 5.94 2.21
CA LYS A 131 -4.56 7.18 2.47
C LYS A 131 -5.32 8.03 3.48
N GLN A 132 -6.65 8.12 3.30
CA GLN A 132 -7.46 8.85 4.27
C GLN A 132 -7.37 8.20 5.65
N ARG A 133 -7.40 6.87 5.70
CA ARG A 133 -7.37 6.18 6.99
C ARG A 133 -6.01 6.34 7.66
N ILE A 134 -4.92 6.26 6.88
CA ILE A 134 -3.59 6.45 7.45
C ILE A 134 -3.44 7.86 8.01
N ASP A 135 -3.89 8.86 7.25
CA ASP A 135 -3.77 10.24 7.70
C ASP A 135 -4.58 10.49 8.96
N THR A 136 -5.75 9.85 9.08
CA THR A 136 -6.55 9.98 10.29
C THR A 136 -5.82 9.39 11.49
N GLU A 137 -5.15 8.24 11.31
CA GLU A 137 -4.41 7.65 12.41
C GLU A 137 -3.18 8.48 12.75
N GLN A 138 -2.56 9.10 11.76
CA GLN A 138 -1.38 9.94 11.98
C GLN A 138 -1.80 11.34 12.44
#